data_5KTT
#
_entry.id   5KTT
#
_cell.length_a   47.333
_cell.length_b   54.639
_cell.length_c   55.613
_cell.angle_alpha   90.00
_cell.angle_beta   90.79
_cell.angle_gamma   90.00
#
_symmetry.space_group_name_H-M   'P 1 21 1'
#
loop_
_entity.id
_entity.type
_entity.pdbx_description
1 polymer 'Quinolinate synthase A'
2 non-polymer 'IRON/SULFUR CLUSTER'
3 non-polymer '(2S)-2-hydroxybutanedioic acid'
4 water water
#
_entity_poly.entity_id   1
_entity_poly.type   'polypeptide(L)'
_entity_poly.pdbx_seq_one_letter_code
;GSFTMDLVEEILRLKEERNAIILAHNYQLPEVQDIADFIGDSLELARRATRVDADVIVFAGVDFMAETAKILNPDKVVLI
PSREATCAMANMLKVEHILEAKRKYPNAPVVLYVNSTAEAKAYADVTVTSANAVEVVKKLDSDVVIFGPDKNLAHYVAKM
TGKKIIPVPSKGHCYVHQKFTLDDVERAKKLHPNAKLMIHPECIPEVQEKADIIASTGGMIKRACEWDEWVVFTEREMVY
RLRKLYPQKKFYPAREDAFCIGMKAITLKNIYESLKDMKYKVEVPEEIARKARKAIERMLEMSK
;
_entity_poly.pdbx_strand_id   A
#
loop_
_chem_comp.id
_chem_comp.type
_chem_comp.name
_chem_comp.formula
LMR non-polymer '(2S)-2-hydroxybutanedioic acid' 'C4 H6 O5'
SF4 non-polymer 'IRON/SULFUR CLUSTER' 'Fe4 S4'
#
# COMPACT_ATOMS: atom_id res chain seq x y z
N ASP A 6 24.43 -18.37 -7.60
CA ASP A 6 24.19 -17.23 -6.72
C ASP A 6 23.09 -16.35 -7.29
N LEU A 7 21.94 -16.34 -6.62
CA LEU A 7 20.76 -15.62 -7.11
C LEU A 7 21.05 -14.15 -7.34
N VAL A 8 21.67 -13.49 -6.35
CA VAL A 8 21.91 -12.06 -6.44
C VAL A 8 22.68 -11.72 -7.70
N GLU A 9 23.79 -12.43 -7.95
CA GLU A 9 24.58 -12.17 -9.14
C GLU A 9 23.77 -12.40 -10.41
N GLU A 10 22.99 -13.48 -10.45
CA GLU A 10 22.20 -13.78 -11.64
C GLU A 10 21.07 -12.77 -11.83
N ILE A 11 20.41 -12.40 -10.74
CA ILE A 11 19.35 -11.39 -10.81
C ILE A 11 19.90 -10.09 -11.36
N LEU A 12 21.05 -9.65 -10.86
CA LEU A 12 21.59 -8.37 -11.31
C LEU A 12 21.99 -8.42 -12.78
N ARG A 13 22.54 -9.56 -13.23
CA ARG A 13 22.90 -9.70 -14.64
C ARG A 13 21.66 -9.68 -15.53
N LEU A 14 20.61 -10.39 -15.12
CA LEU A 14 19.39 -10.40 -15.92
C LEU A 14 18.71 -9.05 -15.92
N LYS A 15 18.79 -8.32 -14.81
CA LYS A 15 18.20 -6.99 -14.76
C LYS A 15 18.82 -6.10 -15.83
N GLU A 16 20.14 -6.17 -15.98
CA GLU A 16 20.80 -5.42 -17.04
C GLU A 16 20.39 -5.93 -18.42
N GLU A 17 20.35 -7.25 -18.62
CA GLU A 17 20.02 -7.80 -19.93
C GLU A 17 18.60 -7.45 -20.36
N ARG A 18 17.66 -7.44 -19.42
CA ARG A 18 16.26 -7.18 -19.73
C ARG A 18 15.93 -5.69 -19.79
N ASN A 19 16.88 -4.81 -19.51
CA ASN A 19 16.61 -3.39 -19.31
C ASN A 19 15.46 -3.21 -18.32
N ALA A 20 15.60 -3.88 -17.18
CA ALA A 20 14.56 -3.96 -16.18
C ALA A 20 14.94 -3.12 -14.97
N ILE A 21 13.91 -2.62 -14.29
CA ILE A 21 14.08 -2.05 -12.96
C ILE A 21 13.23 -2.85 -12.00
N ILE A 22 13.69 -2.93 -10.76
CA ILE A 22 12.99 -3.65 -9.71
C ILE A 22 12.43 -2.64 -8.74
N LEU A 23 11.11 -2.67 -8.54
CA LEU A 23 10.43 -1.83 -7.57
C LEU A 23 10.04 -2.73 -6.42
N ALA A 24 10.47 -2.39 -5.20
CA ALA A 24 10.18 -3.22 -4.03
C ALA A 24 9.35 -2.43 -3.03
N HIS A 25 8.24 -3.00 -2.58
CA HIS A 25 7.47 -2.37 -1.54
C HIS A 25 8.26 -2.40 -0.21
N ASN A 26 7.93 -1.46 0.67
CA ASN A 26 8.58 -1.34 1.98
C ASN A 26 8.45 -2.60 2.83
N TYR A 27 7.49 -3.48 2.57
CA TYR A 27 7.34 -4.71 3.35
C TYR A 27 8.13 -5.88 2.79
N GLN A 28 8.88 -5.68 1.70
CA GLN A 28 9.69 -6.75 1.14
C GLN A 28 10.86 -7.10 2.07
N LEU A 29 11.32 -8.35 1.95
CA LEU A 29 12.42 -8.82 2.77
C LEU A 29 13.66 -7.96 2.51
N PRO A 30 14.53 -7.82 3.52
CA PRO A 30 15.75 -7.04 3.31
C PRO A 30 16.56 -7.50 2.10
N GLU A 31 16.65 -8.82 1.89
CA GLU A 31 17.45 -9.33 0.78
C GLU A 31 16.84 -8.95 -0.57
N VAL A 32 15.52 -8.78 -0.61
CA VAL A 32 14.86 -8.32 -1.83
C VAL A 32 15.06 -6.82 -2.02
N GLN A 33 14.88 -6.04 -0.95
CA GLN A 33 15.08 -4.60 -1.05
C GLN A 33 16.50 -4.27 -1.50
N ASP A 34 17.49 -5.09 -1.10
CA ASP A 34 18.87 -4.82 -1.44
C ASP A 34 19.16 -4.89 -2.93
N ILE A 35 18.35 -5.63 -3.69
CA ILE A 35 18.51 -5.68 -5.14
C ILE A 35 17.52 -4.78 -5.88
N ALA A 36 16.68 -4.06 -5.16
CA ALA A 36 15.71 -3.17 -5.79
C ALA A 36 16.34 -1.84 -6.19
N ASP A 37 15.83 -1.27 -7.28
CA ASP A 37 16.23 0.07 -7.69
C ASP A 37 15.50 1.14 -6.89
N PHE A 38 14.21 0.96 -6.69
CA PHE A 38 13.39 1.90 -5.94
C PHE A 38 12.65 1.11 -4.88
N ILE A 39 12.54 1.69 -3.69
CA ILE A 39 11.85 1.09 -2.55
C ILE A 39 10.87 2.12 -2.02
N GLY A 40 9.64 1.70 -1.76
CA GLY A 40 8.65 2.62 -1.22
C GLY A 40 7.28 2.01 -1.17
N ASP A 41 6.27 2.88 -1.16
CA ASP A 41 4.90 2.43 -1.29
C ASP A 41 4.51 2.41 -2.76
N SER A 42 3.36 1.78 -3.06
CA SER A 42 3.07 1.40 -4.44
C SER A 42 2.91 2.60 -5.38
N LEU A 43 2.18 3.65 -4.96
CA LEU A 43 1.96 4.77 -5.86
C LEU A 43 3.27 5.49 -6.16
N GLU A 44 4.07 5.75 -5.11
CA GLU A 44 5.35 6.42 -5.34
C GLU A 44 6.29 5.57 -6.18
N LEU A 45 6.26 4.24 -6.03
CA LEU A 45 7.07 3.37 -6.87
C LEU A 45 6.64 3.47 -8.32
N ALA A 46 5.33 3.38 -8.57
CA ALA A 46 4.82 3.49 -9.93
C ALA A 46 5.21 4.82 -10.55
N ARG A 47 5.08 5.91 -9.79
CA ARG A 47 5.39 7.23 -10.32
C ARG A 47 6.88 7.36 -10.61
N ARG A 48 7.72 6.81 -9.74
CA ARG A 48 9.16 6.91 -9.97
C ARG A 48 9.58 6.14 -11.20
N ALA A 49 8.87 5.07 -11.54
CA ALA A 49 9.20 4.31 -12.75
C ALA A 49 8.88 5.09 -14.02
N THR A 50 7.94 6.04 -13.95
CA THR A 50 7.58 6.81 -15.13
C THR A 50 8.69 7.76 -15.58
N ARG A 51 9.69 7.99 -14.73
CA ARG A 51 10.76 8.92 -15.06
C ARG A 51 11.99 8.23 -15.62
N VAL A 52 11.96 6.91 -15.82
CA VAL A 52 13.10 6.18 -16.33
C VAL A 52 12.69 5.36 -17.55
N ASP A 53 13.64 5.16 -18.45
CA ASP A 53 13.43 4.51 -19.75
C ASP A 53 13.74 3.01 -19.68
N ALA A 54 13.18 2.33 -18.68
CA ALA A 54 13.29 0.89 -18.60
C ALA A 54 12.22 0.23 -19.45
N ASP A 55 12.55 -0.94 -20.00
CA ASP A 55 11.58 -1.69 -20.79
C ASP A 55 10.71 -2.60 -19.94
N VAL A 56 11.20 -2.98 -18.76
CA VAL A 56 10.56 -3.98 -17.91
C VAL A 56 10.56 -3.46 -16.47
N ILE A 57 9.44 -3.66 -15.79
CA ILE A 57 9.34 -3.49 -14.35
C ILE A 57 9.15 -4.87 -13.74
N VAL A 58 9.98 -5.22 -12.77
CA VAL A 58 9.69 -6.35 -11.90
C VAL A 58 9.15 -5.76 -10.61
N PHE A 59 7.90 -6.07 -10.29
CA PHE A 59 7.28 -5.51 -9.08
C PHE A 59 7.37 -6.51 -7.94
N ALA A 60 8.26 -6.24 -6.98
CA ALA A 60 8.38 -7.05 -5.77
C ALA A 60 7.35 -6.52 -4.78
N GLY A 61 6.14 -7.05 -4.88
CA GLY A 61 5.01 -6.55 -4.13
C GLY A 61 3.79 -7.35 -4.55
N VAL A 62 2.62 -6.87 -4.14
CA VAL A 62 1.40 -7.63 -4.40
C VAL A 62 0.70 -7.18 -5.67
N ASP A 63 -0.31 -7.98 -6.08
CA ASP A 63 -0.93 -7.83 -7.40
C ASP A 63 -1.42 -6.42 -7.69
N PHE A 64 -2.16 -5.80 -6.75
CA PHE A 64 -2.74 -4.48 -7.04
C PHE A 64 -1.65 -3.44 -7.24
N MET A 65 -0.50 -3.61 -6.57
CA MET A 65 0.58 -2.66 -6.71
C MET A 65 1.22 -2.77 -8.09
N ALA A 66 1.42 -4.00 -8.57
CA ALA A 66 1.89 -4.20 -9.93
C ALA A 66 0.90 -3.61 -10.93
N GLU A 67 -0.40 -3.71 -10.64
CA GLU A 67 -1.40 -3.10 -11.51
C GLU A 67 -1.24 -1.58 -11.57
N THR A 68 -1.03 -0.93 -10.43
CA THR A 68 -0.81 0.51 -10.42
C THR A 68 0.43 0.87 -11.22
N ALA A 69 1.50 0.09 -11.09
CA ALA A 69 2.67 0.29 -11.92
C ALA A 69 2.32 0.22 -13.40
N LYS A 70 1.51 -0.78 -13.79
CA LYS A 70 1.15 -0.91 -15.20
C LYS A 70 0.27 0.24 -15.68
N ILE A 71 -0.63 0.72 -14.81
CA ILE A 71 -1.50 1.84 -15.18
C ILE A 71 -0.68 3.09 -15.49
N LEU A 72 0.32 3.39 -14.67
CA LEU A 72 1.14 4.58 -14.88
C LEU A 72 2.29 4.33 -15.85
N ASN A 73 2.57 3.08 -16.18
CA ASN A 73 3.65 2.74 -17.12
C ASN A 73 3.13 1.78 -18.19
N PRO A 74 2.16 2.21 -18.99
CA PRO A 74 1.53 1.27 -19.93
C PRO A 74 2.48 0.76 -21.00
N ASP A 75 3.53 1.50 -21.32
CA ASP A 75 4.48 1.12 -22.36
C ASP A 75 5.63 0.25 -21.82
N LYS A 76 5.61 -0.10 -20.54
CA LYS A 76 6.59 -1.02 -19.99
C LYS A 76 5.92 -2.38 -19.74
N VAL A 77 6.70 -3.44 -19.90
CA VAL A 77 6.26 -4.76 -19.47
C VAL A 77 6.36 -4.82 -17.95
N VAL A 78 5.25 -5.14 -17.29
CA VAL A 78 5.24 -5.26 -15.83
C VAL A 78 5.14 -6.75 -15.48
N LEU A 79 6.09 -7.22 -14.68
CA LEU A 79 6.13 -8.61 -14.24
C LEU A 79 5.93 -8.66 -12.73
N ILE A 80 5.11 -9.59 -12.28
CA ILE A 80 5.00 -9.93 -10.86
C ILE A 80 5.59 -11.32 -10.66
N PRO A 81 6.54 -11.50 -9.74
CA PRO A 81 7.23 -12.80 -9.65
C PRO A 81 6.32 -13.95 -9.25
N SER A 82 5.21 -13.69 -8.56
CA SER A 82 4.28 -14.74 -8.21
C SER A 82 2.87 -14.18 -8.21
N ARG A 83 1.94 -14.86 -8.87
CA ARG A 83 0.55 -14.41 -8.78
C ARG A 83 -0.10 -14.73 -7.44
N GLU A 84 0.59 -15.47 -6.58
N GLU A 84 0.59 -15.46 -6.56
CA GLU A 84 0.16 -15.67 -5.20
CA GLU A 84 0.10 -15.62 -5.20
C GLU A 84 0.52 -14.51 -4.29
C GLU A 84 0.41 -14.44 -4.32
N ALA A 85 1.16 -13.47 -4.82
CA ALA A 85 1.41 -12.23 -4.09
C ALA A 85 0.15 -11.39 -4.22
N THR A 86 -0.80 -11.63 -3.32
CA THR A 86 -2.12 -11.04 -3.39
C THR A 86 -2.46 -10.28 -2.11
N CYS A 87 -3.39 -9.34 -2.22
CA CYS A 87 -3.80 -8.49 -1.11
C CYS A 87 -5.22 -8.88 -0.68
N ALA A 88 -5.33 -9.45 0.53
CA ALA A 88 -6.65 -9.87 1.02
C ALA A 88 -7.61 -8.69 1.15
N MET A 89 -7.11 -7.52 1.53
N MET A 89 -7.09 -7.52 1.53
CA MET A 89 -8.00 -6.38 1.69
CA MET A 89 -7.96 -6.37 1.70
C MET A 89 -8.53 -5.92 0.35
C MET A 89 -8.51 -5.88 0.37
N ALA A 90 -7.65 -5.72 -0.62
CA ALA A 90 -8.09 -5.27 -1.94
C ALA A 90 -9.06 -6.26 -2.55
N ASN A 91 -8.86 -7.55 -2.28
CA ASN A 91 -9.72 -8.59 -2.84
C ASN A 91 -11.09 -8.62 -2.20
N MET A 92 -11.26 -7.99 -1.03
CA MET A 92 -12.58 -7.96 -0.39
C MET A 92 -13.59 -7.11 -1.17
N LEU A 93 -13.13 -6.18 -2.00
CA LEU A 93 -14.02 -5.24 -2.67
C LEU A 93 -14.31 -5.73 -4.08
N LYS A 94 -15.60 -5.90 -4.38
CA LYS A 94 -16.06 -6.28 -5.71
C LYS A 94 -16.81 -5.12 -6.35
N VAL A 95 -16.79 -5.10 -7.69
CA VAL A 95 -17.53 -4.10 -8.44
C VAL A 95 -18.97 -4.00 -7.95
N GLU A 96 -19.59 -5.15 -7.68
CA GLU A 96 -20.99 -5.15 -7.23
C GLU A 96 -21.17 -4.37 -5.94
N HIS A 97 -20.19 -4.43 -5.03
CA HIS A 97 -20.26 -3.63 -3.81
C HIS A 97 -20.38 -2.15 -4.15
N ILE A 98 -19.60 -1.70 -5.14
CA ILE A 98 -19.61 -0.28 -5.50
C ILE A 98 -20.94 0.11 -6.12
N LEU A 99 -21.42 -0.69 -7.07
CA LEU A 99 -22.69 -0.39 -7.72
C LEU A 99 -23.84 -0.39 -6.72
N GLU A 100 -23.81 -1.32 -5.77
CA GLU A 100 -24.86 -1.37 -4.76
C GLU A 100 -24.80 -0.15 -3.84
N ALA A 101 -23.59 0.26 -3.44
CA ALA A 101 -23.46 1.43 -2.58
C ALA A 101 -23.93 2.69 -3.29
N LYS A 102 -23.64 2.81 -4.58
CA LYS A 102 -24.10 3.97 -5.33
C LYS A 102 -25.62 4.02 -5.37
N ARG A 103 -26.26 2.85 -5.46
CA ARG A 103 -27.70 2.80 -5.46
C ARG A 103 -28.26 3.21 -4.10
N LYS A 104 -27.58 2.81 -3.01
CA LYS A 104 -28.06 3.07 -1.66
C LYS A 104 -27.74 4.47 -1.16
N TYR A 105 -26.72 5.13 -1.71
CA TYR A 105 -26.31 6.46 -1.27
C TYR A 105 -26.28 7.34 -2.51
N PRO A 106 -27.45 7.83 -2.92
CA PRO A 106 -27.56 8.44 -4.25
C PRO A 106 -26.66 9.67 -4.37
N ASN A 107 -25.86 9.68 -5.44
CA ASN A 107 -25.05 10.83 -5.86
C ASN A 107 -23.82 11.03 -4.98
N ALA A 108 -23.57 10.15 -4.01
CA ALA A 108 -22.38 10.29 -3.18
C ALA A 108 -21.12 9.96 -3.99
N PRO A 109 -20.06 10.74 -3.84
CA PRO A 109 -18.82 10.41 -4.55
C PRO A 109 -18.27 9.08 -4.08
N VAL A 110 -17.57 8.40 -4.99
CA VAL A 110 -16.93 7.11 -4.71
C VAL A 110 -15.41 7.35 -4.66
N VAL A 111 -14.82 7.12 -3.49
CA VAL A 111 -13.40 7.34 -3.27
C VAL A 111 -12.74 6.00 -3.01
N LEU A 112 -11.67 5.71 -3.74
CA LEU A 112 -10.94 4.45 -3.59
C LEU A 112 -9.54 4.73 -3.06
N TYR A 113 -9.24 4.17 -1.90
CA TYR A 113 -7.87 4.04 -1.42
C TYR A 113 -7.03 3.40 -2.51
N VAL A 114 -5.80 3.89 -2.69
CA VAL A 114 -4.93 3.33 -3.73
C VAL A 114 -4.61 1.87 -3.49
N ASN A 115 -4.78 1.37 -2.26
CA ASN A 115 -4.68 -0.05 -1.97
C ASN A 115 -6.01 -0.69 -2.38
N SER A 116 -6.10 -1.07 -3.64
CA SER A 116 -7.33 -1.53 -4.27
C SER A 116 -6.95 -2.05 -5.65
N THR A 117 -7.80 -2.89 -6.22
CA THR A 117 -7.52 -3.42 -7.54
C THR A 117 -7.68 -2.33 -8.60
N ALA A 118 -7.06 -2.57 -9.76
CA ALA A 118 -7.24 -1.66 -10.90
C ALA A 118 -8.70 -1.59 -11.31
N GLU A 119 -9.39 -2.73 -11.32
CA GLU A 119 -10.81 -2.74 -11.65
C GLU A 119 -11.61 -1.86 -10.71
N ALA A 120 -11.33 -1.91 -9.41
CA ALA A 120 -12.04 -1.06 -8.48
C ALA A 120 -11.76 0.42 -8.75
N LYS A 121 -10.52 0.77 -9.07
CA LYS A 121 -10.19 2.15 -9.39
C LYS A 121 -11.00 2.66 -10.58
N ALA A 122 -11.36 1.77 -11.51
CA ALA A 122 -12.12 2.17 -12.69
C ALA A 122 -13.53 2.64 -12.35
N TYR A 123 -14.05 2.26 -11.18
CA TYR A 123 -15.36 2.72 -10.73
C TYR A 123 -15.24 3.85 -9.72
N ALA A 124 -14.03 4.35 -9.49
CA ALA A 124 -13.81 5.43 -8.54
C ALA A 124 -13.92 6.79 -9.22
N ASP A 125 -14.51 7.75 -8.52
CA ASP A 125 -14.39 9.13 -8.97
C ASP A 125 -12.98 9.66 -8.77
N VAL A 126 -12.32 9.24 -7.68
CA VAL A 126 -10.98 9.72 -7.36
C VAL A 126 -10.34 8.68 -6.45
N THR A 127 -9.02 8.58 -6.50
CA THR A 127 -8.28 7.77 -5.55
C THR A 127 -7.69 8.64 -4.45
N VAL A 128 -7.31 8.00 -3.35
CA VAL A 128 -6.58 8.68 -2.29
C VAL A 128 -5.47 7.79 -1.77
N THR A 129 -4.38 8.42 -1.32
CA THR A 129 -3.47 7.79 -0.37
C THR A 129 -3.96 8.12 1.04
N SER A 130 -3.41 7.41 2.04
CA SER A 130 -3.77 7.81 3.39
C SER A 130 -3.26 9.21 3.70
N ALA A 131 -2.17 9.61 3.06
CA ALA A 131 -1.58 10.92 3.33
C ALA A 131 -2.37 12.07 2.72
N ASN A 132 -3.09 11.83 1.62
CA ASN A 132 -3.89 12.90 1.01
C ASN A 132 -5.39 12.69 1.15
N ALA A 133 -5.82 11.62 1.83
CA ALA A 133 -7.24 11.29 1.87
C ALA A 133 -8.08 12.41 2.45
N VAL A 134 -7.61 13.04 3.54
CA VAL A 134 -8.40 14.08 4.20
C VAL A 134 -8.50 15.31 3.32
N GLU A 135 -7.36 15.75 2.75
CA GLU A 135 -7.37 16.90 1.86
C GLU A 135 -8.30 16.69 0.67
N VAL A 136 -8.27 15.50 0.07
CA VAL A 136 -9.12 15.21 -1.08
C VAL A 136 -10.58 15.18 -0.67
N VAL A 137 -10.89 14.42 0.38
CA VAL A 137 -12.28 14.23 0.77
C VAL A 137 -12.92 15.54 1.24
N LYS A 138 -12.14 16.40 1.90
CA LYS A 138 -12.67 17.69 2.32
C LYS A 138 -13.14 18.54 1.15
N LYS A 139 -12.61 18.31 -0.05
CA LYS A 139 -13.02 19.07 -1.22
C LYS A 139 -14.26 18.54 -1.89
N LEU A 140 -14.71 17.34 -1.52
CA LEU A 140 -15.97 16.82 -2.04
C LEU A 140 -17.12 17.50 -1.31
N ASP A 141 -18.01 18.15 -2.06
CA ASP A 141 -19.11 18.90 -1.48
C ASP A 141 -20.31 17.99 -1.25
N SER A 142 -20.05 16.97 -0.43
CA SER A 142 -21.07 16.00 -0.05
C SER A 142 -20.86 15.66 1.41
N ASP A 143 -21.96 15.58 2.16
CA ASP A 143 -21.90 15.14 3.54
C ASP A 143 -21.69 13.64 3.64
N VAL A 144 -21.89 12.90 2.54
CA VAL A 144 -21.78 11.45 2.51
C VAL A 144 -20.81 11.07 1.40
N VAL A 145 -19.89 10.16 1.70
CA VAL A 145 -18.86 9.72 0.76
C VAL A 145 -18.73 8.22 0.86
N ILE A 146 -18.78 7.52 -0.28
CA ILE A 146 -18.50 6.09 -0.35
C ILE A 146 -17.00 5.89 -0.43
N PHE A 147 -16.45 5.01 0.41
CA PHE A 147 -15.00 4.88 0.54
C PHE A 147 -14.60 3.43 0.73
N GLY A 148 -13.61 2.97 -0.03
CA GLY A 148 -13.18 1.59 0.07
C GLY A 148 -11.73 1.42 -0.32
N PRO A 149 -11.15 0.27 0.00
CA PRO A 149 -11.83 -0.89 0.60
C PRO A 149 -11.65 -1.06 2.11
N ASP A 150 -10.98 -0.12 2.76
N ASP A 150 -10.99 -0.12 2.78
CA ASP A 150 -10.59 -0.30 4.15
CA ASP A 150 -10.57 -0.30 4.16
C ASP A 150 -11.50 0.53 5.07
C ASP A 150 -11.44 0.52 5.11
N LYS A 151 -12.20 -0.15 5.98
CA LYS A 151 -13.06 0.56 6.91
C LYS A 151 -12.28 1.29 7.99
N ASN A 152 -11.01 0.91 8.21
CA ASN A 152 -10.24 1.54 9.27
C ASN A 152 -9.65 2.86 8.80
N LEU A 153 -9.11 2.90 7.58
CA LEU A 153 -8.77 4.20 6.99
C LEU A 153 -10.02 5.07 6.86
N ALA A 154 -11.16 4.47 6.49
CA ALA A 154 -12.40 5.24 6.41
C ALA A 154 -12.72 5.91 7.73
N HIS A 155 -12.54 5.20 8.84
CA HIS A 155 -12.78 5.81 10.14
C HIS A 155 -11.88 7.02 10.35
N TYR A 156 -10.59 6.88 10.00
CA TYR A 156 -9.66 8.00 10.14
C TYR A 156 -10.12 9.19 9.30
N VAL A 157 -10.54 8.93 8.07
CA VAL A 157 -11.01 10.01 7.20
C VAL A 157 -12.26 10.65 7.76
N ALA A 158 -13.20 9.84 8.26
CA ALA A 158 -14.40 10.41 8.87
C ALA A 158 -14.05 11.30 10.04
N LYS A 159 -13.14 10.85 10.90
CA LYS A 159 -12.73 11.63 12.07
C LYS A 159 -12.16 12.98 11.64
N MET A 160 -11.27 12.98 10.65
CA MET A 160 -10.55 14.20 10.27
C MET A 160 -11.37 15.14 9.40
N THR A 161 -12.44 14.66 8.76
CA THR A 161 -13.26 15.50 7.89
C THR A 161 -14.64 15.82 8.44
N GLY A 162 -15.13 15.05 9.41
CA GLY A 162 -16.47 15.27 9.91
C GLY A 162 -17.58 14.80 9.00
N LYS A 163 -17.26 14.07 7.93
CA LYS A 163 -18.26 13.60 6.99
C LYS A 163 -18.69 12.18 7.32
N LYS A 164 -19.83 11.78 6.75
CA LYS A 164 -20.32 10.42 6.86
C LYS A 164 -19.66 9.58 5.78
N ILE A 165 -18.75 8.71 6.20
CA ILE A 165 -17.97 7.87 5.29
C ILE A 165 -18.54 6.45 5.35
N ILE A 166 -18.99 5.96 4.20
CA ILE A 166 -19.62 4.65 4.08
C ILE A 166 -18.56 3.68 3.53
N PRO A 167 -18.01 2.78 4.35
CA PRO A 167 -17.05 1.82 3.79
C PRO A 167 -17.71 0.84 2.82
N VAL A 168 -16.97 0.53 1.75
CA VAL A 168 -17.30 -0.56 0.82
C VAL A 168 -16.09 -1.47 0.66
N PRO A 169 -16.26 -2.77 0.92
CA PRO A 169 -17.44 -3.40 1.50
C PRO A 169 -17.56 -3.01 2.98
N SER A 170 -18.67 -3.34 3.63
CA SER A 170 -18.93 -2.80 4.97
C SER A 170 -17.93 -3.30 6.00
N LYS A 171 -17.32 -4.47 5.79
CA LYS A 171 -16.35 -5.03 6.71
C LYS A 171 -14.95 -5.11 6.12
N GLY A 172 -14.68 -4.33 5.08
CA GLY A 172 -13.37 -4.40 4.45
C GLY A 172 -12.26 -3.93 5.38
N HIS A 173 -11.14 -4.63 5.35
CA HIS A 173 -10.04 -4.34 6.26
C HIS A 173 -8.86 -5.20 5.87
N CYS A 174 -7.70 -4.90 6.45
CA CYS A 174 -6.48 -5.65 6.26
C CYS A 174 -6.27 -6.56 7.47
N TYR A 175 -6.23 -7.88 7.23
CA TYR A 175 -6.09 -8.82 8.36
C TYR A 175 -4.78 -8.62 9.10
N VAL A 176 -3.73 -8.15 8.42
CA VAL A 176 -2.44 -7.94 9.09
C VAL A 176 -2.55 -6.84 10.12
N HIS A 177 -3.10 -5.69 9.72
CA HIS A 177 -3.19 -4.56 10.63
C HIS A 177 -4.29 -4.74 11.66
N GLN A 178 -5.31 -5.56 11.38
CA GLN A 178 -6.32 -5.85 12.38
C GLN A 178 -5.75 -6.62 13.56
N LYS A 179 -4.57 -7.23 13.41
N LYS A 179 -4.57 -7.22 13.42
CA LYS A 179 -3.98 -7.99 14.51
CA LYS A 179 -3.97 -7.99 14.51
C LYS A 179 -3.61 -7.11 15.70
C LYS A 179 -3.59 -7.11 15.69
N PHE A 180 -3.34 -5.83 15.46
CA PHE A 180 -2.89 -4.97 16.54
C PHE A 180 -4.03 -4.63 17.49
N THR A 181 -3.76 -4.74 18.78
CA THR A 181 -4.78 -4.55 19.81
C THR A 181 -4.31 -3.52 20.83
N LEU A 182 -5.25 -3.09 21.68
CA LEU A 182 -4.89 -2.22 22.80
C LEU A 182 -3.89 -2.90 23.74
N ASP A 183 -3.94 -4.22 23.85
CA ASP A 183 -2.93 -4.92 24.66
C ASP A 183 -1.55 -4.78 24.04
N ASP A 184 -1.47 -4.77 22.71
CA ASP A 184 -0.16 -4.55 22.09
C ASP A 184 0.36 -3.15 22.38
N VAL A 185 -0.54 -2.17 22.44
CA VAL A 185 -0.17 -0.82 22.83
C VAL A 185 0.38 -0.81 24.26
N GLU A 186 -0.36 -1.45 25.19
CA GLU A 186 0.07 -1.47 26.59
C GLU A 186 1.40 -2.22 26.74
N ARG A 187 1.55 -3.34 26.05
CA ARG A 187 2.81 -4.07 26.09
C ARG A 187 3.97 -3.23 25.59
N ALA A 188 3.75 -2.47 24.51
CA ALA A 188 4.79 -1.59 23.98
C ALA A 188 5.19 -0.51 24.99
N LYS A 189 4.21 0.07 25.67
CA LYS A 189 4.50 1.16 26.61
C LYS A 189 5.26 0.65 27.83
N LYS A 190 4.97 -0.58 28.26
CA LYS A 190 5.69 -1.15 29.39
C LYS A 190 7.12 -1.48 29.04
N LEU A 191 7.33 -2.04 27.85
CA LEU A 191 8.65 -2.51 27.46
C LEU A 191 9.52 -1.38 26.92
N HIS A 192 8.90 -0.40 26.28
CA HIS A 192 9.62 0.69 25.60
C HIS A 192 9.04 2.04 26.02
N PRO A 193 9.15 2.40 27.31
CA PRO A 193 8.51 3.65 27.76
C PRO A 193 9.06 4.91 27.10
N ASN A 194 10.28 4.86 26.58
CA ASN A 194 10.85 6.04 25.93
C ASN A 194 10.49 6.14 24.46
N ALA A 195 9.81 5.14 23.91
CA ALA A 195 9.49 5.13 22.50
C ALA A 195 8.18 5.83 22.24
N LYS A 196 8.03 6.35 21.02
CA LYS A 196 6.75 6.79 20.52
C LYS A 196 6.18 5.73 19.57
N LEU A 197 4.88 5.83 19.32
CA LEU A 197 4.16 4.80 18.57
C LEU A 197 3.81 5.33 17.19
N MET A 198 4.34 4.69 16.15
CA MET A 198 3.93 5.00 14.78
C MET A 198 2.96 3.93 14.33
N ILE A 199 1.75 4.35 13.94
CA ILE A 199 0.63 3.43 13.77
C ILE A 199 0.03 3.64 12.38
N HIS A 200 -0.12 2.56 11.65
CA HIS A 200 -0.67 2.64 10.31
C HIS A 200 -2.18 2.88 10.37
N PRO A 201 -2.74 3.67 9.43
CA PRO A 201 -4.18 3.93 9.46
C PRO A 201 -5.06 2.73 9.11
N GLU A 202 -4.45 1.60 8.71
CA GLU A 202 -5.20 0.36 8.55
C GLU A 202 -5.43 -0.36 9.88
N CYS A 203 -4.86 0.14 10.97
CA CYS A 203 -5.14 -0.42 12.29
C CYS A 203 -6.53 0.02 12.74
N ILE A 204 -7.08 -0.69 13.73
CA ILE A 204 -8.44 -0.42 14.19
C ILE A 204 -8.50 0.94 14.88
N PRO A 205 -9.68 1.58 14.91
CA PRO A 205 -9.77 2.94 15.47
C PRO A 205 -9.24 3.08 16.89
N GLU A 206 -9.55 2.13 17.78
CA GLU A 206 -9.11 2.30 19.17
C GLU A 206 -7.59 2.25 19.29
N VAL A 207 -6.94 1.54 18.38
CA VAL A 207 -5.47 1.53 18.33
C VAL A 207 -4.93 2.82 17.70
N GLN A 208 -5.56 3.29 16.61
CA GLN A 208 -5.20 4.60 16.05
C GLN A 208 -5.23 5.68 17.11
N GLU A 209 -6.18 5.62 18.05
CA GLU A 209 -6.32 6.68 19.04
C GLU A 209 -5.12 6.78 19.96
N LYS A 210 -4.35 5.70 20.10
CA LYS A 210 -3.18 5.66 20.96
C LYS A 210 -1.91 6.11 20.26
N ALA A 211 -1.98 6.43 18.97
CA ALA A 211 -0.78 6.69 18.19
C ALA A 211 -0.14 8.01 18.56
N ASP A 212 1.19 8.06 18.43
CA ASP A 212 1.86 9.35 18.38
C ASP A 212 1.80 9.93 16.99
N ILE A 213 2.03 9.11 15.95
CA ILE A 213 1.76 9.51 14.58
C ILE A 213 0.93 8.44 13.90
N ILE A 214 0.01 8.86 13.04
CA ILE A 214 -0.72 7.96 12.15
C ILE A 214 -0.15 8.18 10.76
N ALA A 215 0.40 7.12 10.17
CA ALA A 215 1.12 7.29 8.92
C ALA A 215 1.17 5.98 8.14
N SER A 216 1.12 6.09 6.82
CA SER A 216 1.48 4.99 5.95
C SER A 216 3.00 4.82 5.97
N THR A 217 3.51 3.80 5.27
CA THR A 217 4.95 3.54 5.34
C THR A 217 5.77 4.73 4.86
N GLY A 218 5.31 5.41 3.80
CA GLY A 218 6.04 6.57 3.35
C GLY A 218 6.09 7.66 4.40
N GLY A 219 4.98 7.86 5.11
CA GLY A 219 4.95 8.84 6.19
C GLY A 219 5.75 8.43 7.41
N MET A 220 5.83 7.12 7.68
CA MET A 220 6.68 6.64 8.75
C MET A 220 8.14 6.99 8.49
N ILE A 221 8.58 6.80 7.24
CA ILE A 221 9.94 7.15 6.87
C ILE A 221 10.15 8.66 6.97
N LYS A 222 9.18 9.44 6.50
CA LYS A 222 9.32 10.89 6.55
C LYS A 222 9.37 11.41 7.98
N ARG A 223 8.53 10.88 8.86
CA ARG A 223 8.39 11.44 10.20
C ARG A 223 9.25 10.76 11.24
N ALA A 224 10.00 9.71 10.87
CA ALA A 224 10.86 9.04 11.86
C ALA A 224 11.88 10.00 12.47
N CYS A 225 12.20 11.08 11.76
CA CYS A 225 13.13 12.08 12.29
C CYS A 225 12.63 12.74 13.57
N GLU A 226 11.34 12.60 13.89
CA GLU A 226 10.74 13.33 15.01
C GLU A 226 11.03 12.71 16.37
N TRP A 227 11.61 11.51 16.41
CA TRP A 227 11.91 10.88 17.70
C TRP A 227 13.01 9.87 17.46
N ASP A 228 13.63 9.42 18.56
CA ASP A 228 14.78 8.54 18.45
C ASP A 228 14.44 7.06 18.61
N GLU A 229 13.25 6.72 19.10
CA GLU A 229 12.89 5.33 19.37
C GLU A 229 11.42 5.17 19.04
N TRP A 230 11.09 4.13 18.26
CA TRP A 230 9.74 3.96 17.79
C TRP A 230 9.30 2.50 17.91
N VAL A 231 8.06 2.29 18.32
CA VAL A 231 7.41 0.99 18.17
C VAL A 231 6.48 1.11 16.98
N VAL A 232 6.58 0.14 16.07
CA VAL A 232 6.04 0.28 14.71
C VAL A 232 4.85 -0.65 14.57
N PHE A 233 3.66 -0.07 14.44
CA PHE A 233 2.41 -0.82 14.27
C PHE A 233 2.08 -0.94 12.78
N THR A 234 2.88 -1.75 12.10
CA THR A 234 2.59 -2.15 10.72
C THR A 234 3.28 -3.49 10.46
N GLU A 235 3.22 -3.95 9.21
CA GLU A 235 3.82 -5.23 8.85
C GLU A 235 5.27 -5.28 9.31
N ARG A 236 5.66 -6.42 9.88
CA ARG A 236 6.90 -6.48 10.65
C ARG A 236 8.14 -6.19 9.82
N GLU A 237 8.12 -6.42 8.49
CA GLU A 237 9.34 -6.16 7.72
C GLU A 237 9.67 -4.68 7.65
N MET A 238 8.70 -3.81 7.94
CA MET A 238 8.97 -2.38 7.91
C MET A 238 10.04 -1.99 8.93
N VAL A 239 10.15 -2.74 10.03
CA VAL A 239 11.16 -2.42 11.04
C VAL A 239 12.56 -2.49 10.44
N TYR A 240 12.82 -3.51 9.62
CA TYR A 240 14.14 -3.64 9.01
C TYR A 240 14.38 -2.52 8.01
N ARG A 241 13.35 -2.15 7.23
CA ARG A 241 13.44 -1.01 6.34
C ARG A 241 13.85 0.25 7.10
N LEU A 242 13.18 0.52 8.22
CA LEU A 242 13.48 1.70 9.00
C LEU A 242 14.86 1.64 9.65
N ARG A 243 15.26 0.46 10.14
CA ARG A 243 16.57 0.33 10.78
C ARG A 243 17.69 0.62 9.80
N LYS A 244 17.54 0.16 8.55
CA LYS A 244 18.59 0.42 7.57
C LYS A 244 18.62 1.87 7.15
N LEU A 245 17.45 2.53 7.12
CA LEU A 245 17.42 3.96 6.79
C LEU A 245 18.04 4.79 7.90
N TYR A 246 17.74 4.47 9.16
CA TYR A 246 18.14 5.27 10.33
C TYR A 246 18.90 4.37 11.30
N PRO A 247 20.16 4.06 11.00
CA PRO A 247 20.89 3.10 11.86
C PRO A 247 21.09 3.57 13.28
N GLN A 248 20.96 4.86 13.57
CA GLN A 248 21.20 5.35 14.92
C GLN A 248 19.93 5.48 15.75
N LYS A 249 18.77 5.24 15.16
CA LYS A 249 17.52 5.19 15.90
C LYS A 249 17.22 3.75 16.30
N LYS A 250 16.18 3.58 17.11
CA LYS A 250 15.71 2.26 17.51
C LYS A 250 14.29 2.07 16.98
N PHE A 251 14.02 0.90 16.42
CA PHE A 251 12.69 0.56 15.93
C PHE A 251 12.37 -0.85 16.40
N TYR A 252 11.16 -1.04 16.91
CA TYR A 252 10.75 -2.34 17.40
C TYR A 252 9.38 -2.67 16.82
N PRO A 253 9.16 -3.92 16.42
CA PRO A 253 7.83 -4.29 15.91
C PRO A 253 6.83 -4.34 17.06
N ALA A 254 5.63 -3.84 16.79
CA ALA A 254 4.56 -3.97 17.76
C ALA A 254 4.14 -5.42 17.94
N ARG A 255 4.19 -6.21 16.88
CA ARG A 255 3.91 -7.64 16.94
C ARG A 255 4.86 -8.35 16.01
N GLU A 256 5.51 -9.41 16.52
CA GLU A 256 6.36 -10.22 15.64
C GLU A 256 5.56 -11.03 14.63
N ASP A 257 4.26 -11.22 14.85
CA ASP A 257 3.45 -12.03 13.94
C ASP A 257 2.69 -11.23 12.89
N ALA A 258 2.97 -9.94 12.75
CA ALA A 258 2.27 -9.09 11.78
C ALA A 258 2.91 -9.31 10.42
N PHE A 259 2.43 -10.35 9.73
CA PHE A 259 3.07 -10.91 8.55
C PHE A 259 2.07 -10.92 7.41
N CYS A 260 2.39 -10.25 6.30
CA CYS A 260 1.54 -10.31 5.10
C CYS A 260 1.99 -11.49 4.25
N ILE A 261 1.14 -12.52 4.16
CA ILE A 261 1.47 -13.70 3.39
C ILE A 261 1.69 -13.35 1.92
N GLY A 262 0.88 -12.43 1.40
CA GLY A 262 1.03 -12.04 0.00
C GLY A 262 2.39 -11.44 -0.30
N MET A 263 2.84 -10.52 0.56
CA MET A 263 4.15 -9.91 0.38
C MET A 263 5.25 -10.97 0.38
N LYS A 264 5.11 -11.99 1.23
CA LYS A 264 6.17 -12.99 1.33
C LYS A 264 6.08 -14.05 0.25
N ALA A 265 5.12 -13.95 -0.68
CA ALA A 265 5.16 -14.79 -1.86
C ALA A 265 6.32 -14.44 -2.78
N ILE A 266 6.89 -13.24 -2.64
CA ILE A 266 8.03 -12.80 -3.44
C ILE A 266 9.32 -13.29 -2.79
N THR A 267 10.20 -13.89 -3.60
CA THR A 267 11.47 -14.42 -3.13
C THR A 267 12.57 -14.04 -4.12
N LEU A 268 13.83 -14.14 -3.66
CA LEU A 268 14.94 -13.97 -4.59
C LEU A 268 14.83 -14.97 -5.72
N LYS A 269 14.49 -16.22 -5.40
CA LYS A 269 14.39 -17.26 -6.41
C LYS A 269 13.37 -16.91 -7.49
N ASN A 270 12.17 -16.47 -7.10
CA ASN A 270 11.18 -16.19 -8.14
C ASN A 270 11.37 -14.83 -8.79
N ILE A 271 12.14 -13.92 -8.18
CA ILE A 271 12.58 -12.74 -8.92
C ILE A 271 13.55 -13.14 -10.02
N TYR A 272 14.50 -14.02 -9.69
CA TYR A 272 15.37 -14.57 -10.72
C TYR A 272 14.55 -15.21 -11.83
N GLU A 273 13.57 -16.05 -11.47
CA GLU A 273 12.77 -16.74 -12.47
C GLU A 273 11.92 -15.77 -13.27
N SER A 274 11.46 -14.69 -12.63
CA SER A 274 10.69 -13.68 -13.33
C SER A 274 11.49 -13.04 -14.45
N LEU A 275 12.73 -12.64 -14.16
CA LEU A 275 13.57 -12.03 -15.17
C LEU A 275 14.02 -13.04 -16.21
N LYS A 276 14.35 -14.26 -15.78
CA LYS A 276 14.83 -15.25 -16.74
C LYS A 276 13.76 -15.61 -17.76
N ASP A 277 12.51 -15.76 -17.31
CA ASP A 277 11.45 -16.31 -18.14
C ASP A 277 10.43 -15.27 -18.57
N MET A 278 10.60 -14.00 -18.16
CA MET A 278 9.68 -12.92 -18.49
C MET A 278 8.24 -13.25 -18.07
N LYS A 279 8.10 -13.52 -16.78
CA LYS A 279 6.80 -13.83 -16.19
C LYS A 279 6.76 -13.23 -14.77
N TYR A 280 5.58 -13.05 -14.17
CA TYR A 280 4.27 -13.20 -14.79
C TYR A 280 3.77 -11.84 -15.23
N LYS A 281 3.36 -11.77 -16.49
CA LYS A 281 2.99 -10.49 -17.09
C LYS A 281 1.71 -9.96 -16.47
N VAL A 282 1.75 -8.69 -16.08
CA VAL A 282 0.60 -8.01 -15.48
C VAL A 282 0.01 -7.13 -16.55
N GLU A 283 -1.26 -7.36 -16.86
CA GLU A 283 -1.97 -6.56 -17.84
C GLU A 283 -3.20 -5.94 -17.18
N VAL A 284 -3.58 -4.76 -17.68
CA VAL A 284 -4.78 -4.08 -17.22
C VAL A 284 -5.59 -3.76 -18.46
N PRO A 285 -6.84 -4.23 -18.58
CA PRO A 285 -7.65 -3.93 -19.77
C PRO A 285 -7.71 -2.43 -20.04
N GLU A 286 -7.68 -2.09 -21.32
CA GLU A 286 -7.55 -0.70 -21.76
C GLU A 286 -8.59 0.21 -21.12
N GLU A 287 -9.84 -0.22 -21.08
CA GLU A 287 -10.88 0.65 -20.54
C GLU A 287 -10.75 0.81 -19.03
N ILE A 288 -10.43 -0.28 -18.33
CA ILE A 288 -10.18 -0.19 -16.89
C ILE A 288 -8.99 0.73 -16.63
N ALA A 289 -7.91 0.56 -17.40
CA ALA A 289 -6.72 1.38 -17.19
C ALA A 289 -7.02 2.85 -17.45
N ARG A 290 -7.80 3.14 -18.49
CA ARG A 290 -8.14 4.53 -18.80
C ARG A 290 -8.89 5.17 -17.65
N LYS A 291 -9.88 4.46 -17.09
CA LYS A 291 -10.68 5.04 -16.01
C LYS A 291 -9.89 5.11 -14.70
N ALA A 292 -9.08 4.08 -14.41
CA ALA A 292 -8.25 4.13 -13.21
C ALA A 292 -7.25 5.28 -13.30
N ARG A 293 -6.71 5.50 -14.50
CA ARG A 293 -5.75 6.59 -14.70
C ARG A 293 -6.41 7.94 -14.44
N LYS A 294 -7.66 8.11 -14.88
CA LYS A 294 -8.36 9.37 -14.66
C LYS A 294 -8.61 9.63 -13.18
N ALA A 295 -8.91 8.57 -12.42
CA ALA A 295 -9.14 8.74 -10.99
C ALA A 295 -7.86 9.12 -10.26
N ILE A 296 -6.72 8.58 -10.70
CA ILE A 296 -5.44 8.96 -10.12
C ILE A 296 -5.09 10.40 -10.48
N GLU A 297 -5.35 10.79 -11.73
CA GLU A 297 -5.09 12.16 -12.16
C GLU A 297 -5.93 13.14 -11.36
N ARG A 298 -7.20 12.81 -11.12
CA ARG A 298 -8.03 13.69 -10.30
C ARG A 298 -7.46 13.83 -8.90
N MET A 299 -6.89 12.75 -8.37
CA MET A 299 -6.30 12.82 -7.03
C MET A 299 -5.17 13.83 -6.97
N LEU A 300 -4.34 13.88 -8.01
CA LEU A 300 -3.29 14.89 -8.06
C LEU A 300 -3.87 16.30 -8.17
N GLU A 301 -4.92 16.46 -8.98
CA GLU A 301 -5.53 17.77 -9.13
C GLU A 301 -6.16 18.24 -7.83
N MET A 302 -6.64 17.31 -7.00
CA MET A 302 -7.33 17.66 -5.76
C MET A 302 -6.40 17.75 -4.57
N SER A 303 -5.09 17.57 -4.76
CA SER A 303 -4.16 17.64 -3.64
C SER A 303 -2.96 18.51 -4.01
FE1 SF4 B . -2.98 -6.13 1.58
FE2 SF4 B . -0.89 -7.32 2.81
FE3 SF4 B . -2.74 -5.89 4.21
FE4 SF4 B . -1.08 -4.65 2.58
S1 SF4 B . -0.48 -5.80 4.40
S2 SF4 B . -3.34 -4.25 2.81
S3 SF4 B . -0.81 -6.14 0.87
S4 SF4 B . -3.15 -7.82 3.06
C1 LMR C . 1.88 1.11 3.23
O1A LMR C . 2.89 0.94 2.58
O1B LMR C . 1.73 2.10 3.94
C2 LMR C . 0.75 0.10 3.22
O2 LMR C . -0.47 0.77 2.96
C3 LMR C . 0.96 -0.99 2.19
C4 LMR C . 0.00 -2.10 2.48
O4A LMR C . -0.79 -2.06 3.42
O4B LMR C . 0.02 -3.03 1.71
#